data_3K47
#
_entry.id   3K47
#
_cell.length_a   41.432
_cell.length_b   61.012
_cell.length_c   43.217
_cell.angle_alpha   90.00
_cell.angle_beta   117.79
_cell.angle_gamma   90.00
#
_symmetry.space_group_name_H-M   'P 1 21 1'
#
loop_
_entity.id
_entity.type
_entity.pdbx_description
1 polymer 'Dihydrofolate reductase'
2 non-polymer 5-[(1E)-2-(2-methoxyphenyl)prop-1-en-1-yl]furo[2,3-d]pyrimidine-2,4-diamine
3 non-polymer 'NADPH DIHYDRO-NICOTINAMIDE-ADENINE-DINUCLEOTIDE PHOSPHATE'
4 water water
#
_entity_poly.entity_id   1
_entity_poly.type   'polypeptide(L)'
_entity_poly.pdbx_seq_one_letter_code
;VRPLNCIVAVSQNMGIGKNGDLPWPPLRNEFKYFQRMTTTSSVEGKQNLVIMGRKTWFSIPEKNRPLKDRINIVLSRELK
EPPRGAHFLAKSLDDALRLIEQPELASKVDMVWIVGGSSVYQEAMNQPGHLRLFVTRIMQEFESDTFFPEIDLGKYKLLP
EYPGVLSEVQEEKGIKYKFEVYEKKD
;
_entity_poly.pdbx_strand_id   A
#
# COMPACT_ATOMS: atom_id res chain seq x y z
N VAL A 1 1.56 13.24 -2.82
CA VAL A 1 3.05 13.54 -2.76
C VAL A 1 3.49 13.91 -1.32
N ARG A 2 2.47 14.16 -0.47
CA ARG A 2 2.67 14.58 0.94
C ARG A 2 1.93 13.76 2.06
N PRO A 3 0.56 13.67 2.05
CA PRO A 3 0.00 12.54 2.81
C PRO A 3 0.58 11.19 2.30
N LEU A 4 0.89 10.29 3.25
CA LEU A 4 1.23 8.91 2.98
C LEU A 4 0.06 8.01 3.16
N ASN A 5 -0.36 7.41 2.04
CA ASN A 5 -1.42 6.38 2.06
C ASN A 5 -0.83 4.95 2.08
N CYS A 6 -1.06 4.21 3.16
CA CYS A 6 -0.79 2.77 3.20
C CYS A 6 -2.07 2.05 2.76
N ILE A 7 -1.93 0.96 2.04
CA ILE A 7 -3.07 0.16 1.60
C ILE A 7 -2.68 -1.27 1.82
N VAL A 8 -3.58 -2.06 2.44
CA VAL A 8 -3.21 -3.42 2.89
C VAL A 8 -4.58 -4.13 2.94
N ALA A 9 -4.59 -5.44 2.79
CA ALA A 9 -5.77 -6.26 3.17
C ALA A 9 -5.30 -7.13 4.34
N VAL A 10 -6.14 -7.22 5.34
CA VAL A 10 -5.72 -7.87 6.56
C VAL A 10 -6.71 -8.93 7.10
N SER A 11 -6.25 -10.12 7.44
CA SER A 11 -7.17 -11.12 8.02
C SER A 11 -7.62 -10.70 9.44
N GLN A 12 -8.63 -11.37 9.97
CA GLN A 12 -9.16 -11.08 11.31
C GLN A 12 -8.11 -11.12 12.43
N ASN A 13 -7.17 -12.04 12.33
CA ASN A 13 -6.05 -12.19 13.27
C ASN A 13 -4.82 -11.31 12.94
N MET A 14 -4.94 -10.50 11.86
CA MET A 14 -4.01 -9.40 11.51
C MET A 14 -2.98 -9.87 10.54
N GLY A 15 -3.31 -10.99 9.91
CA GLY A 15 -2.45 -11.64 8.97
C GLY A 15 -2.48 -10.93 7.66
N ILE A 16 -1.28 -10.84 7.07
CA ILE A 16 -0.97 -10.39 5.72
C ILE A 16 0.09 -11.41 5.38
N GLY A 17 0.42 -11.69 4.14
CA GLY A 17 1.57 -12.65 3.96
C GLY A 17 1.73 -14.03 4.67
N LYS A 18 1.89 -15.08 3.86
CA LYS A 18 2.26 -16.48 4.29
C LYS A 18 3.21 -17.02 3.24
N ASN A 19 4.42 -17.39 3.67
CA ASN A 19 5.49 -17.90 2.79
C ASN A 19 5.76 -17.07 1.51
N GLY A 20 5.73 -15.73 1.63
CA GLY A 20 6.05 -14.86 0.49
C GLY A 20 4.84 -14.67 -0.40
N ASP A 21 3.70 -14.97 0.23
CA ASP A 21 2.47 -15.14 -0.48
C ASP A 21 1.34 -14.65 0.42
N LEU A 22 0.19 -14.41 -0.17
CA LEU A 22 -0.98 -14.03 0.61
C LEU A 22 -1.48 -15.25 1.41
N PRO A 23 -2.05 -15.02 2.61
CA PRO A 23 -2.66 -16.03 3.49
C PRO A 23 -3.94 -16.72 2.94
N TRP A 24 -4.63 -16.05 2.00
CA TRP A 24 -5.96 -16.38 1.44
C TRP A 24 -5.76 -16.62 -0.04
N PRO A 25 -6.71 -17.34 -0.70
CA PRO A 25 -6.65 -17.44 -2.18
C PRO A 25 -6.90 -16.11 -2.81
N PRO A 26 -6.55 -15.97 -4.11
CA PRO A 26 -6.82 -14.74 -4.83
C PRO A 26 -8.20 -14.18 -4.51
N LEU A 27 -8.20 -12.98 -3.93
CA LEU A 27 -9.38 -12.14 -3.96
C LEU A 27 -9.30 -11.15 -5.14
N ARG A 28 -9.88 -11.51 -6.29
CA ARG A 28 -9.70 -10.71 -7.53
C ARG A 28 -10.44 -9.36 -7.54
N ASN A 29 -11.58 -9.33 -6.85
CA ASN A 29 -12.40 -8.13 -6.75
C ASN A 29 -11.81 -7.14 -5.75
N GLU A 30 -11.25 -7.64 -4.64
CA GLU A 30 -10.50 -6.81 -3.73
C GLU A 30 -9.24 -6.17 -4.43
N PHE A 31 -8.55 -6.92 -5.28
CA PHE A 31 -7.48 -6.39 -6.14
C PHE A 31 -7.90 -5.25 -7.02
N LYS A 32 -9.12 -5.36 -7.58
CA LYS A 32 -9.72 -4.23 -8.27
C LYS A 32 -9.67 -2.96 -7.42
N TYR A 33 -10.12 -3.03 -6.18
CA TYR A 33 -10.10 -1.87 -5.31
C TYR A 33 -8.66 -1.36 -5.08
N PHE A 34 -7.72 -2.27 -4.91
CA PHE A 34 -6.34 -1.85 -4.75
C PHE A 34 -5.82 -1.13 -5.98
N GLN A 35 -6.17 -1.65 -7.17
CA GLN A 35 -5.73 -1.03 -8.43
C GLN A 35 -6.33 0.34 -8.71
N ARG A 36 -7.64 0.47 -8.61
CA ARG A 36 -8.33 1.76 -8.75
C ARG A 36 -7.80 2.85 -7.80
N MET A 37 -7.61 2.48 -6.52
CA MET A 37 -7.14 3.47 -5.55
C MET A 37 -5.69 3.90 -5.74
N THR A 38 -4.77 2.98 -5.92
CA THR A 38 -3.34 3.30 -6.12
C THR A 38 -3.11 3.93 -7.47
N THR A 39 -3.91 3.55 -8.45
CA THR A 39 -3.76 4.08 -9.79
C THR A 39 -4.43 5.38 -10.03
N THR A 40 -5.62 5.57 -9.44
CA THR A 40 -6.39 6.78 -9.70
C THR A 40 -5.80 8.09 -9.08
N SER A 41 -5.11 8.80 -9.97
CA SER A 41 -4.57 10.09 -9.71
C SER A 41 -5.70 11.12 -9.70
N SER A 42 -5.46 12.32 -9.14
CA SER A 42 -6.58 13.26 -9.00
C SER A 42 -6.39 14.46 -9.92
N VAL A 43 -5.28 14.40 -10.68
CA VAL A 43 -4.93 15.37 -11.70
C VAL A 43 -4.56 14.57 -12.93
N GLU A 44 -5.17 14.92 -14.06
CA GLU A 44 -4.74 14.43 -15.34
C GLU A 44 -3.30 14.89 -15.60
N GLY A 45 -2.47 14.06 -16.22
CA GLY A 45 -1.06 14.45 -16.35
C GLY A 45 -0.16 13.84 -15.26
N LYS A 46 -0.68 13.76 -14.05
CA LYS A 46 0.03 13.15 -12.92
C LYS A 46 -0.31 11.67 -12.59
N GLN A 47 0.73 10.94 -12.23
CA GLN A 47 0.59 9.58 -11.80
C GLN A 47 0.81 9.52 -10.31
N ASN A 48 0.12 8.56 -9.76
CA ASN A 48 0.33 8.11 -8.42
C ASN A 48 1.59 7.30 -8.42
N LEU A 49 2.15 7.19 -7.23
CA LEU A 49 3.41 6.55 -7.03
C LEU A 49 3.25 5.47 -5.98
N VAL A 50 3.88 4.32 -6.19
CA VAL A 50 3.78 3.25 -5.14
C VAL A 50 5.19 3.00 -4.58
N ILE A 51 5.31 2.80 -3.27
CA ILE A 51 6.58 2.41 -2.67
C ILE A 51 6.42 1.00 -2.07
N MET A 52 7.34 0.06 -2.32
CA MET A 52 7.19 -1.28 -1.71
C MET A 52 8.54 -1.83 -1.29
N GLY A 53 8.55 -2.81 -0.36
CA GLY A 53 9.79 -3.47 0.04
C GLY A 53 10.22 -4.39 -1.11
N ARG A 54 11.48 -4.74 -1.19
CA ARG A 54 12.01 -5.59 -2.26
C ARG A 54 11.29 -7.00 -2.44
N LYS A 55 10.99 -7.65 -1.33
CA LYS A 55 10.29 -8.95 -1.42
C LYS A 55 8.88 -8.79 -1.97
N THR A 56 8.21 -7.71 -1.64
CA THR A 56 6.88 -7.41 -2.25
C THR A 56 7.01 -7.22 -3.80
N TRP A 57 8.04 -6.53 -4.22
CA TRP A 57 8.29 -6.33 -5.66
C TRP A 57 8.46 -7.63 -6.39
N PHE A 58 9.40 -8.47 -5.93
CA PHE A 58 9.59 -9.78 -6.54
C PHE A 58 8.43 -10.79 -6.29
N SER A 59 7.49 -10.52 -5.35
CA SER A 59 6.23 -11.30 -5.20
C SER A 59 5.15 -10.93 -6.21
N ILE A 60 5.28 -9.80 -6.91
CA ILE A 60 4.35 -9.49 -7.98
C ILE A 60 4.73 -10.35 -9.25
N PRO A 61 3.76 -11.07 -9.88
CA PRO A 61 4.19 -11.80 -11.10
C PRO A 61 4.91 -10.84 -12.01
N GLU A 62 5.99 -11.25 -12.65
CA GLU A 62 6.76 -10.35 -13.56
C GLU A 62 5.95 -9.74 -14.71
N LYS A 63 4.92 -10.45 -15.15
CA LYS A 63 3.99 -9.96 -16.19
C LYS A 63 3.18 -8.79 -15.67
N ASN A 64 3.06 -8.66 -14.34
CA ASN A 64 2.42 -7.46 -13.75
C ASN A 64 3.38 -6.34 -13.21
N ARG A 65 4.63 -6.31 -13.66
CA ARG A 65 5.59 -5.38 -13.14
C ARG A 65 6.05 -4.47 -14.27
N PRO A 66 6.19 -3.17 -14.01
CA PRO A 66 5.86 -2.60 -12.71
C PRO A 66 4.34 -2.50 -12.59
N LEU A 67 3.83 -2.15 -11.41
CA LEU A 67 2.42 -1.82 -11.34
C LEU A 67 2.13 -0.65 -12.35
N LYS A 68 1.22 -0.90 -13.28
CA LYS A 68 1.02 -0.06 -14.47
C LYS A 68 0.38 1.24 -14.11
N ASP A 69 0.77 2.23 -14.89
CA ASP A 69 0.37 3.61 -14.80
C ASP A 69 0.61 4.21 -13.44
N ARG A 70 1.54 3.62 -12.67
CA ARG A 70 2.01 4.18 -11.44
C ARG A 70 3.55 4.21 -11.50
N ILE A 71 4.14 5.19 -10.80
CA ILE A 71 5.57 5.26 -10.69
C ILE A 71 5.94 4.34 -9.56
N ASN A 72 6.82 3.41 -9.84
CA ASN A 72 7.11 2.33 -8.89
C ASN A 72 8.43 2.57 -8.20
N ILE A 73 8.39 2.74 -6.87
CA ILE A 73 9.65 2.75 -6.04
C ILE A 73 9.87 1.47 -5.24
N VAL A 74 11.03 0.88 -5.44
CA VAL A 74 11.51 -0.28 -4.63
C VAL A 74 12.61 0.15 -3.59
N LEU A 75 12.42 -0.31 -2.35
CA LEU A 75 13.30 -0.19 -1.21
C LEU A 75 14.09 -1.46 -1.03
N SER A 76 15.39 -1.28 -0.90
CA SER A 76 16.39 -2.34 -0.74
C SER A 76 17.71 -1.73 -0.22
N ARG A 77 18.32 -2.42 0.75
CA ARG A 77 19.62 -2.03 1.28
C ARG A 77 20.72 -2.76 0.56
N GLU A 78 20.37 -3.73 -0.28
CA GLU A 78 21.33 -4.61 -0.96
C GLU A 78 21.41 -4.54 -2.46
N LEU A 79 20.28 -4.31 -3.12
CA LEU A 79 20.30 -3.95 -4.51
C LEU A 79 21.05 -2.62 -4.69
N LYS A 80 21.77 -2.50 -5.80
CA LYS A 80 22.48 -1.27 -6.14
C LYS A 80 21.82 -0.50 -7.30
N GLU A 81 21.15 -1.21 -8.20
CA GLU A 81 20.42 -0.70 -9.33
C GLU A 81 18.94 -1.06 -9.13
N PRO A 82 18.02 -0.20 -9.64
CA PRO A 82 16.62 -0.63 -9.59
C PRO A 82 16.43 -1.95 -10.29
N PRO A 83 15.56 -2.79 -9.72
CA PRO A 83 15.02 -3.96 -10.41
C PRO A 83 14.47 -3.57 -11.78
N ARG A 84 14.60 -4.49 -12.73
CA ARG A 84 14.09 -4.29 -14.07
C ARG A 84 12.58 -4.00 -14.00
N GLY A 85 12.18 -2.87 -14.55
CA GLY A 85 10.83 -2.45 -14.59
C GLY A 85 10.55 -1.40 -13.52
N ALA A 86 11.34 -1.40 -12.42
CA ALA A 86 11.19 -0.32 -11.38
C ALA A 86 11.71 1.04 -11.82
N HIS A 87 10.97 2.10 -11.46
CA HIS A 87 11.40 3.42 -11.79
C HIS A 87 12.48 3.92 -10.88
N PHE A 88 12.39 3.66 -9.56
CA PHE A 88 13.46 4.06 -8.68
C PHE A 88 13.81 3.02 -7.66
N LEU A 89 15.09 3.03 -7.28
CA LEU A 89 15.57 2.30 -6.14
C LEU A 89 15.88 3.28 -5.05
N ALA A 90 15.38 3.06 -3.83
CA ALA A 90 15.92 3.79 -2.74
C ALA A 90 16.37 2.86 -1.55
N LYS A 91 17.43 3.27 -0.85
CA LYS A 91 18.00 2.48 0.31
C LYS A 91 17.34 2.60 1.69
N SER A 92 16.34 3.47 1.83
CA SER A 92 15.57 3.64 3.05
C SER A 92 14.24 4.30 2.67
N LEU A 93 13.26 4.22 3.56
CA LEU A 93 12.03 4.99 3.36
C LEU A 93 12.30 6.50 3.30
N ASP A 94 13.16 7.01 4.16
CA ASP A 94 13.49 8.47 4.08
C ASP A 94 14.04 8.98 2.73
N ASP A 95 15.00 8.26 2.16
CA ASP A 95 15.46 8.51 0.78
C ASP A 95 14.31 8.58 -0.21
N ALA A 96 13.46 7.56 -0.18
CA ALA A 96 12.27 7.50 -1.03
C ALA A 96 11.40 8.75 -0.81
N LEU A 97 11.07 9.06 0.44
CA LEU A 97 10.22 10.23 0.71
C LEU A 97 10.85 11.57 0.34
N ARG A 98 12.18 11.70 0.48
CA ARG A 98 12.90 12.89 -0.01
C ARG A 98 12.86 13.01 -1.53
N LEU A 99 12.96 11.88 -2.24
CA LEU A 99 13.00 11.92 -3.71
C LEU A 99 11.71 12.43 -4.27
N ILE A 100 10.63 12.04 -3.62
CA ILE A 100 9.30 12.32 -4.10
C ILE A 100 8.92 13.80 -4.03
N GLU A 101 9.52 14.50 -3.10
CA GLU A 101 9.30 15.91 -2.86
C GLU A 101 10.24 16.79 -3.64
N GLN A 102 11.07 16.22 -4.51
CA GLN A 102 12.06 16.97 -5.27
C GLN A 102 11.30 17.66 -6.37
N PRO A 103 11.73 18.88 -6.78
CA PRO A 103 10.92 19.66 -7.70
C PRO A 103 10.71 18.98 -9.06
N GLU A 104 11.73 18.25 -9.52
CA GLU A 104 11.74 17.51 -10.83
C GLU A 104 10.67 16.38 -10.93
N LEU A 105 10.21 15.93 -9.76
CA LEU A 105 9.37 14.76 -9.65
C LEU A 105 8.01 15.22 -9.17
N ALA A 106 8.04 15.98 -8.09
CA ALA A 106 6.85 16.48 -7.50
C ALA A 106 6.18 17.47 -8.52
N SER A 107 5.20 16.96 -9.30
CA SER A 107 4.68 17.54 -10.59
C SER A 107 4.53 16.50 -11.73
N LYS A 108 5.16 15.35 -11.52
CA LYS A 108 4.82 14.21 -12.28
C LYS A 108 3.98 13.29 -11.39
N VAL A 109 3.93 13.61 -10.09
CA VAL A 109 3.49 12.68 -9.06
C VAL A 109 2.35 13.30 -8.29
N ASP A 110 1.32 12.48 -7.97
CA ASP A 110 0.17 12.95 -7.27
C ASP A 110 0.14 12.24 -5.92
N MET A 111 -0.65 11.19 -5.75
CA MET A 111 -0.73 10.46 -4.50
C MET A 111 0.42 9.43 -4.29
N VAL A 112 0.89 9.32 -3.06
CA VAL A 112 1.89 8.33 -2.67
C VAL A 112 1.25 7.19 -1.90
N TRP A 113 1.45 5.97 -2.42
CA TRP A 113 0.89 4.75 -1.80
C TRP A 113 1.98 3.84 -1.25
N ILE A 114 1.94 3.47 0.03
CA ILE A 114 2.82 2.40 0.52
C ILE A 114 2.06 1.09 0.30
N VAL A 115 2.57 0.21 -0.54
CA VAL A 115 1.80 -1.00 -0.81
C VAL A 115 2.46 -2.27 -0.21
N GLY A 116 3.39 -2.07 0.73
CA GLY A 116 3.84 -3.20 1.50
C GLY A 116 5.28 -3.63 1.40
N GLY A 117 5.65 -4.17 2.54
CA GLY A 117 5.62 -5.55 2.99
C GLY A 117 5.44 -5.14 4.47
N SER A 118 5.45 -6.08 5.44
CA SER A 118 5.33 -5.68 6.89
C SER A 118 6.26 -4.58 7.35
N SER A 119 7.50 -4.71 6.91
CA SER A 119 8.58 -3.84 7.25
C SER A 119 8.29 -2.43 6.80
N VAL A 120 7.75 -2.29 5.57
CA VAL A 120 7.55 -0.96 5.02
C VAL A 120 6.31 -0.30 5.68
N TYR A 121 5.26 -1.10 5.92
CA TYR A 121 4.11 -0.57 6.70
C TYR A 121 4.49 -0.07 8.13
N GLN A 122 5.28 -0.85 8.86
CA GLN A 122 5.73 -0.44 10.22
C GLN A 122 6.38 0.94 10.22
N GLU A 123 7.31 1.11 9.27
CA GLU A 123 8.11 2.34 9.19
C GLU A 123 7.30 3.55 8.81
N ALA A 124 6.52 3.46 7.72
CA ALA A 124 5.51 4.46 7.32
C ALA A 124 4.63 4.90 8.47
N MET A 125 4.21 3.91 9.28
CA MET A 125 3.37 4.14 10.45
C MET A 125 4.12 4.79 11.68
N ASN A 126 5.45 4.80 11.68
CA ASN A 126 6.19 5.64 12.61
C ASN A 126 6.51 7.02 12.02
N GLN A 127 5.89 7.40 10.91
CA GLN A 127 6.13 8.73 10.36
C GLN A 127 5.28 9.75 11.10
N PRO A 128 5.91 10.90 11.46
CA PRO A 128 5.03 11.94 11.93
C PRO A 128 4.38 12.53 10.68
N GLY A 129 3.41 13.42 10.82
CA GLY A 129 2.83 13.91 9.59
C GLY A 129 1.68 13.02 9.11
N HIS A 130 0.98 13.55 8.13
CA HIS A 130 -0.25 13.02 7.65
C HIS A 130 -0.17 11.55 7.07
N LEU A 131 -0.77 10.60 7.79
CA LEU A 131 -0.98 9.20 7.30
C LEU A 131 -2.44 8.78 7.11
N ARG A 132 -2.71 7.99 6.06
CA ARG A 132 -3.99 7.30 5.87
C ARG A 132 -3.70 5.86 5.75
N LEU A 133 -4.61 5.05 6.23
CA LEU A 133 -4.50 3.65 6.17
C LEU A 133 -5.78 3.21 5.52
N PHE A 134 -5.62 2.57 4.35
CA PHE A 134 -6.74 1.99 3.64
C PHE A 134 -6.69 0.48 3.94
N VAL A 135 -7.53 0.02 4.89
CA VAL A 135 -7.43 -1.34 5.47
C VAL A 135 -8.62 -2.22 4.98
N THR A 136 -8.34 -3.23 4.13
CA THR A 136 -9.36 -4.22 3.81
C THR A 136 -9.50 -5.21 4.98
N ARG A 137 -10.63 -5.18 5.59
CA ARG A 137 -10.86 -6.15 6.64
C ARG A 137 -11.37 -7.48 6.03
N ILE A 138 -10.48 -8.47 5.88
CA ILE A 138 -10.94 -9.82 5.54
C ILE A 138 -11.55 -10.46 6.81
N MET A 139 -12.89 -10.53 6.86
CA MET A 139 -13.62 -11.08 8.02
C MET A 139 -13.48 -12.61 8.17
N GLN A 140 -12.29 -13.04 8.57
CA GLN A 140 -11.98 -14.45 8.73
C GLN A 140 -10.50 -14.57 9.08
N GLU A 141 -10.18 -15.52 9.94
CA GLU A 141 -8.79 -15.86 10.29
C GLU A 141 -8.14 -16.75 9.24
N PHE A 142 -6.91 -16.45 8.87
CA PHE A 142 -6.07 -17.29 8.01
C PHE A 142 -4.69 -17.40 8.67
N GLU A 143 -4.08 -18.59 8.57
CA GLU A 143 -2.73 -18.85 9.12
C GLU A 143 -1.67 -17.96 8.44
N SER A 144 -0.99 -17.08 9.21
CA SER A 144 -0.05 -16.12 8.58
C SER A 144 1.43 -16.15 9.11
N ASP A 145 2.41 -15.97 8.20
CA ASP A 145 3.80 -15.66 8.53
C ASP A 145 3.81 -14.35 9.34
N THR A 146 3.62 -13.28 8.55
CA THR A 146 3.68 -11.92 8.97
C THR A 146 2.30 -11.28 9.31
N PHE A 147 2.37 -10.16 10.03
CA PHE A 147 1.19 -9.53 10.56
C PHE A 147 1.26 -8.00 10.40
N PHE A 148 0.09 -7.35 10.43
CA PHE A 148 0.06 -5.91 10.24
C PHE A 148 0.24 -5.23 11.60
N PRO A 149 1.04 -4.12 11.66
CA PRO A 149 1.24 -3.46 12.93
C PRO A 149 -0.10 -3.06 13.57
N GLU A 150 -0.12 -3.05 14.89
CA GLU A 150 -1.31 -2.60 15.60
C GLU A 150 -1.73 -1.21 15.16
N ILE A 151 -3.03 -0.99 15.01
CA ILE A 151 -3.54 0.31 14.58
C ILE A 151 -4.03 1.00 15.86
N ASP A 152 -3.26 1.99 16.31
CA ASP A 152 -3.44 2.68 17.57
C ASP A 152 -4.67 3.57 17.37
N LEU A 153 -5.79 3.20 17.97
CA LEU A 153 -7.05 3.96 17.80
C LEU A 153 -7.11 5.38 18.48
N GLY A 154 -6.11 5.69 19.31
CA GLY A 154 -5.90 7.03 19.85
C GLY A 154 -5.22 7.92 18.82
N LYS A 155 -4.41 7.27 17.98
CA LYS A 155 -3.71 7.89 16.89
C LYS A 155 -4.50 7.94 15.57
N TYR A 156 -5.12 6.82 15.18
CA TYR A 156 -5.94 6.74 13.95
C TYR A 156 -7.42 6.87 14.15
N LYS A 157 -7.99 7.89 13.52
CA LYS A 157 -9.42 8.11 13.33
C LYS A 157 -9.93 7.21 12.20
N LEU A 158 -10.95 6.41 12.46
CA LEU A 158 -11.69 5.70 11.39
C LEU A 158 -12.58 6.70 10.64
N LEU A 159 -12.34 6.95 9.35
CA LEU A 159 -13.21 7.90 8.67
C LEU A 159 -14.61 7.29 8.47
N PRO A 160 -15.70 8.06 8.77
CA PRO A 160 -17.02 7.37 8.58
C PRO A 160 -17.29 7.13 7.09
N GLU A 161 -16.85 8.05 6.25
CA GLU A 161 -16.91 7.79 4.83
C GLU A 161 -15.65 8.31 4.15
N TYR A 162 -15.38 7.84 2.94
CA TYR A 162 -14.27 8.43 2.22
C TYR A 162 -14.59 8.52 0.74
N PRO A 163 -14.25 9.65 0.09
CA PRO A 163 -14.60 9.72 -1.35
C PRO A 163 -14.18 8.45 -2.15
N GLY A 164 -15.13 7.95 -2.96
CA GLY A 164 -14.99 6.76 -3.83
C GLY A 164 -14.85 5.39 -3.14
N VAL A 165 -15.03 5.32 -1.83
CA VAL A 165 -14.92 4.06 -1.10
C VAL A 165 -16.29 3.63 -0.63
N LEU A 166 -16.67 2.39 -0.95
CA LEU A 166 -17.97 1.86 -0.60
C LEU A 166 -17.82 1.05 0.65
N SER A 167 -18.80 1.20 1.51
CA SER A 167 -18.67 0.70 2.90
C SER A 167 -19.43 -0.56 3.19
N GLU A 168 -20.27 -1.01 2.25
CA GLU A 168 -21.00 -2.26 2.49
C GLU A 168 -20.06 -3.46 2.49
N VAL A 169 -20.45 -4.48 3.27
CA VAL A 169 -19.79 -5.76 3.27
C VAL A 169 -19.77 -6.35 1.84
N GLN A 170 -18.60 -6.83 1.45
CA GLN A 170 -18.39 -7.40 0.12
C GLN A 170 -18.09 -8.87 0.33
N GLU A 171 -18.18 -9.67 -0.73
CA GLU A 171 -17.85 -11.07 -0.55
C GLU A 171 -17.41 -11.65 -1.90
N GLU A 172 -16.43 -12.52 -1.87
CA GLU A 172 -15.93 -13.14 -3.07
C GLU A 172 -15.40 -14.54 -2.77
N LYS A 173 -15.96 -15.61 -3.37
CA LYS A 173 -15.53 -16.98 -3.00
C LYS A 173 -15.76 -17.33 -1.52
N GLY A 174 -16.90 -16.94 -0.94
CA GLY A 174 -17.17 -17.28 0.45
C GLY A 174 -16.42 -16.47 1.49
N ILE A 175 -15.61 -15.50 1.05
CA ILE A 175 -14.81 -14.64 1.94
C ILE A 175 -15.40 -13.22 1.93
N LYS A 176 -15.91 -12.84 3.09
CA LYS A 176 -16.41 -11.54 3.39
C LYS A 176 -15.26 -10.58 3.76
N TYR A 177 -15.42 -9.34 3.33
CA TYR A 177 -14.45 -8.33 3.61
C TYR A 177 -15.11 -6.95 3.43
N LYS A 178 -14.50 -5.93 3.99
CA LYS A 178 -14.98 -4.55 3.85
C LYS A 178 -13.80 -3.57 3.85
N PHE A 179 -14.04 -2.39 3.35
CA PHE A 179 -13.03 -1.34 3.17
C PHE A 179 -13.15 -0.34 4.30
N GLU A 180 -12.04 -0.04 4.97
CA GLU A 180 -11.95 0.99 5.95
C GLU A 180 -10.82 1.98 5.58
N VAL A 181 -11.00 3.24 6.00
CA VAL A 181 -10.00 4.30 5.85
C VAL A 181 -9.80 4.92 7.24
N TYR A 182 -8.54 4.89 7.69
CA TYR A 182 -8.12 5.52 8.94
C TYR A 182 -7.28 6.73 8.61
N GLU A 183 -7.24 7.68 9.53
CA GLU A 183 -6.44 8.86 9.31
C GLU A 183 -5.69 9.38 10.57
N LYS A 184 -4.41 9.62 10.40
CA LYS A 184 -3.57 10.26 11.41
C LYS A 184 -3.04 11.54 10.80
N LYS A 185 -3.42 12.69 11.37
CA LYS A 185 -3.09 13.98 10.76
C LYS A 185 -1.76 14.51 11.23
N ASP A 186 -1.33 15.63 10.67
CA ASP A 186 -0.33 16.58 11.31
C ASP A 186 1.00 16.75 10.55
#